data_6DGV
#
_entry.id   6DGV
#
_cell.length_a   160.970
_cell.length_b   160.970
_cell.length_c   50.071
_cell.angle_alpha   90.00
_cell.angle_beta   90.00
_cell.angle_gamma   120.00
#
_symmetry.space_group_name_H-M   'P 64'
#
loop_
_entity.id
_entity.type
_entity.pdbx_description
1 polymer 'Fluorescent GABA Sensor precursor'
2 water water
#
_entity_poly.entity_id   1
_entity_poly.type   'polypeptide(L)'
_entity_poly.pdbx_seq_one_letter_code
;MESINFVSWGGSTQDAQKQAWADPFSKASGITVVQDGPTDYGKLKAMVESGNVQWDVVDVEADFALRAAAEGLLEPLDFS
VIQRDKIDPRFVSDHGVGSFFFSFVLGYNEGGGGASKPQDWTALFDTKTYPGKRALYKWPSPGVLELALLADGVPADKLY
PLDLDRAFKKLDTIKKDIVWWGGGAQSQQLLASGEVSMGQFWNGRIHALQEDGAPVGVSWKQNLVMADILVVPKGTKNKA
AAMKFLASASSAKGQDDFSNLTAYAPVNIDSVQRLDLANVYITADKQKNGIMANFKIRHNVEDGSVQLADHYQQNTPIGD
GPVLLPDNHYLSTQSVLSKDPNEKRDHMVLLEFVTAAGITLGMDELYKGGTGGSMSKGEELFTGVVPILVELDGDVNGHK
FSVRGEGEGDATNGKLTLKFICTTGKLPVPWPTLVTTL(CRO)VQCFSRYPDHMKQHDFFKSAMPEGYVQERTISFKDDG
TYKTRAEVKFEGDTLVNRIELKGIDFKEDGNILGHKLEYNFNANLAPNLPTAYVKDQITLDFAYWAKNGPAIATRWNEWL
VKLQHHHHHH
;
_entity_poly.pdbx_strand_id   A
#
# COMPACT_ATOMS: atom_id res chain seq x y z
N GLU A 2 19.00 -2.57 27.88
CA GLU A 2 18.07 -3.74 27.87
C GLU A 2 17.32 -3.84 26.52
N SER A 3 17.17 -5.06 26.00
CA SER A 3 16.91 -5.32 24.57
C SER A 3 16.15 -6.63 24.25
N ILE A 4 15.63 -6.68 23.01
CA ILE A 4 14.70 -7.70 22.57
C ILE A 4 15.10 -8.28 21.21
N ASN A 5 14.76 -9.54 20.99
CA ASN A 5 15.04 -10.27 19.72
C ASN A 5 13.77 -10.47 18.89
N PHE A 6 13.76 -9.98 17.66
CA PHE A 6 12.58 -10.04 16.78
C PHE A 6 12.85 -11.00 15.65
N VAL A 7 11.92 -11.90 15.39
CA VAL A 7 12.12 -12.96 14.40
C VAL A 7 11.07 -12.88 13.30
N SER A 8 11.51 -12.81 12.05
CA SER A 8 10.61 -12.81 10.91
C SER A 8 11.19 -13.63 9.76
N TRP A 9 10.76 -13.37 8.54
CA TRP A 9 11.03 -14.27 7.42
C TRP A 9 12.22 -13.83 6.54
N GLY A 10 13.00 -12.87 7.03
CA GLY A 10 13.98 -12.17 6.24
C GLY A 10 13.39 -11.41 5.08
N GLY A 11 14.31 -11.01 4.18
CA GLY A 11 13.98 -10.41 2.87
C GLY A 11 13.27 -9.08 3.02
N SER A 12 12.58 -8.68 1.97
CA SER A 12 11.84 -7.45 1.99
C SER A 12 10.84 -7.32 3.15
N THR A 13 10.15 -8.43 3.51
CA THR A 13 9.17 -8.39 4.57
C THR A 13 9.84 -7.95 5.92
N GLN A 14 10.89 -8.65 6.34
CA GLN A 14 11.56 -8.28 7.60
C GLN A 14 12.28 -6.92 7.52
N ASP A 15 12.89 -6.62 6.37
CA ASP A 15 13.51 -5.28 6.12
C ASP A 15 12.54 -4.14 6.40
N ALA A 16 11.27 -4.34 6.04
CA ALA A 16 10.19 -3.35 6.26
C ALA A 16 9.69 -3.33 7.68
N GLN A 17 9.67 -4.49 8.33
CA GLN A 17 9.31 -4.55 9.74
C GLN A 17 10.35 -3.89 10.64
N LYS A 18 11.61 -3.97 10.23
CA LYS A 18 12.68 -3.27 10.92
C LYS A 18 12.43 -1.78 10.73
N GLN A 19 12.30 -1.40 9.47
CA GLN A 19 12.14 0.00 9.15
C GLN A 19 10.85 0.62 9.73
N ALA A 20 9.75 -0.11 9.73
CA ALA A 20 8.49 0.50 10.08
C ALA A 20 8.21 0.37 11.57
N TRP A 21 8.69 -0.67 12.23
CA TRP A 21 8.37 -0.81 13.65
C TRP A 21 9.57 -0.62 14.56
N ALA A 22 10.61 -1.41 14.31
CA ALA A 22 11.75 -1.51 15.20
C ALA A 22 12.48 -0.17 15.38
N ASP A 23 12.72 0.52 14.29
CA ASP A 23 13.46 1.76 14.38
C ASP A 23 12.74 2.81 15.20
N PRO A 24 11.43 3.08 14.90
CA PRO A 24 10.69 4.00 15.78
C PRO A 24 10.34 3.45 17.18
N PHE A 25 10.35 2.14 17.38
CA PHE A 25 10.18 1.59 18.74
C PHE A 25 11.39 1.88 19.66
N SER A 26 12.59 1.70 19.12
CA SER A 26 13.82 2.02 19.84
C SER A 26 13.96 3.53 20.12
N LYS A 27 13.85 4.32 19.04
CA LYS A 27 13.74 5.78 19.11
C LYS A 27 12.77 6.21 20.19
N ALA A 28 11.59 5.60 20.23
CA ALA A 28 10.55 5.99 21.21
C ALA A 28 10.71 5.42 22.63
N SER A 29 11.36 4.27 22.80
CA SER A 29 11.32 3.57 24.09
C SER A 29 12.66 3.25 24.75
N GLY A 30 13.77 3.45 24.04
CA GLY A 30 15.07 3.04 24.57
C GLY A 30 15.35 1.55 24.47
N ILE A 31 14.35 0.72 24.21
CA ILE A 31 14.59 -0.71 24.04
C ILE A 31 15.10 -0.90 22.62
N THR A 32 16.09 -1.75 22.49
CA THR A 32 16.78 -1.98 21.24
C THR A 32 16.30 -3.35 20.75
N VAL A 33 16.21 -3.48 19.43
CA VAL A 33 15.54 -4.61 18.80
C VAL A 33 16.59 -5.29 17.93
N VAL A 34 16.83 -6.58 18.14
CA VAL A 34 17.80 -7.33 17.36
C VAL A 34 17.07 -8.21 16.37
N GLN A 35 17.43 -8.08 15.11
CA GLN A 35 16.79 -8.82 14.04
C GLN A 35 17.44 -10.19 13.99
N ASP A 36 16.65 -11.22 14.21
CA ASP A 36 17.10 -12.61 14.24
C ASP A 36 16.11 -13.35 13.37
N GLY A 37 16.46 -14.51 12.88
CA GLY A 37 15.62 -15.21 11.94
C GLY A 37 16.39 -16.12 11.02
N PRO A 38 15.70 -16.81 10.12
CA PRO A 38 14.25 -16.68 9.95
C PRO A 38 13.48 -17.44 11.03
N THR A 39 12.17 -17.21 11.05
CA THR A 39 11.23 -17.97 11.84
C THR A 39 11.39 -19.45 11.52
N ASP A 40 11.79 -20.20 12.53
CA ASP A 40 11.79 -21.65 12.51
C ASP A 40 10.80 -22.14 13.57
N TYR A 41 9.85 -22.94 13.18
CA TYR A 41 8.88 -23.46 14.14
C TYR A 41 9.49 -24.57 15.00
N GLY A 42 10.32 -25.41 14.41
CA GLY A 42 11.18 -26.36 15.15
C GLY A 42 11.91 -25.69 16.31
N LYS A 43 12.72 -24.66 16.02
CA LYS A 43 13.53 -23.95 17.03
C LYS A 43 12.72 -23.22 18.07
N LEU A 44 11.52 -22.78 17.70
CA LEU A 44 10.63 -22.15 18.66
C LEU A 44 10.19 -23.15 19.73
N LYS A 45 9.89 -24.36 19.30
CA LYS A 45 9.45 -25.43 20.19
C LYS A 45 10.58 -25.90 21.16
N ALA A 46 11.75 -26.21 20.61
CA ALA A 46 12.91 -26.69 21.40
C ALA A 46 13.31 -25.66 22.45
N MET A 47 13.38 -24.43 22.00
CA MET A 47 13.59 -23.27 22.84
C MET A 47 12.59 -23.18 24.00
N VAL A 48 11.31 -23.44 23.73
CA VAL A 48 10.26 -23.24 24.74
C VAL A 48 10.32 -24.34 25.79
N GLU A 49 10.42 -25.58 25.32
CA GLU A 49 10.52 -26.76 26.19
C GLU A 49 11.79 -26.76 27.02
N SER A 50 12.93 -26.49 26.39
CA SER A 50 14.23 -26.36 27.07
C SER A 50 14.27 -25.26 28.10
N GLY A 51 13.41 -24.26 27.98
CA GLY A 51 13.36 -23.22 28.98
C GLY A 51 14.31 -22.08 28.66
N ASN A 52 15.34 -22.24 27.81
CA ASN A 52 16.11 -21.03 27.43
C ASN A 52 15.68 -20.39 26.08
N VAL A 53 15.03 -19.23 26.23
CA VAL A 53 14.36 -18.53 25.14
C VAL A 53 15.13 -17.28 24.67
N GLN A 54 15.54 -17.31 23.41
CA GLN A 54 16.30 -16.25 22.80
C GLN A 54 15.46 -15.38 21.89
N TRP A 55 14.19 -15.75 21.72
CA TRP A 55 13.28 -15.12 20.76
C TRP A 55 12.15 -14.49 21.58
N ASP A 56 11.90 -13.23 21.36
CA ASP A 56 10.99 -12.51 22.22
C ASP A 56 9.69 -12.21 21.49
N VAL A 57 9.80 -11.81 20.24
CA VAL A 57 8.68 -11.61 19.40
C VAL A 57 8.93 -12.37 18.11
N VAL A 58 8.03 -13.30 17.78
CA VAL A 58 8.09 -14.04 16.53
C VAL A 58 6.89 -13.77 15.64
N ASP A 59 7.18 -13.38 14.39
CA ASP A 59 6.21 -13.38 13.26
C ASP A 59 6.01 -14.79 12.68
N VAL A 60 4.80 -15.32 12.82
CA VAL A 60 4.41 -16.66 12.36
C VAL A 60 3.12 -16.60 11.53
N GLU A 61 2.84 -17.72 10.88
CA GLU A 61 1.63 -17.84 10.08
C GLU A 61 0.42 -18.03 10.99
N ALA A 62 -0.73 -17.51 10.60
CA ALA A 62 -1.89 -17.40 11.48
C ALA A 62 -2.42 -18.74 11.99
N ASP A 63 -2.44 -19.76 11.13
CA ASP A 63 -2.77 -21.14 11.60
C ASP A 63 -1.74 -21.69 12.58
N PHE A 64 -0.45 -21.48 12.31
CA PHE A 64 0.59 -21.87 13.26
C PHE A 64 0.35 -21.23 14.62
N ALA A 65 0.04 -19.93 14.64
CA ALA A 65 -0.16 -19.21 15.89
C ALA A 65 -1.19 -19.85 16.74
N LEU A 66 -2.24 -20.36 16.11
CA LEU A 66 -3.33 -20.97 16.84
C LEU A 66 -2.98 -22.35 17.39
N ARG A 67 -2.29 -23.14 16.58
CA ARG A 67 -1.92 -24.48 16.95
C ARG A 67 -0.89 -24.48 18.10
N ALA A 68 0.10 -23.59 17.98
CA ALA A 68 1.08 -23.29 19.02
C ALA A 68 0.43 -22.90 20.34
N ALA A 69 -0.54 -22.01 20.29
CA ALA A 69 -1.23 -21.59 21.51
C ALA A 69 -2.00 -22.73 22.12
N ALA A 70 -2.58 -23.59 21.30
CA ALA A 70 -3.26 -24.76 21.79
C ALA A 70 -2.31 -25.70 22.55
N GLU A 71 -1.05 -25.83 22.11
CA GLU A 71 -0.04 -26.63 22.82
C GLU A 71 0.77 -25.84 23.85
N GLY A 72 0.25 -24.72 24.33
CA GLY A 72 0.91 -23.86 25.32
C GLY A 72 2.37 -23.48 25.08
N LEU A 73 2.70 -23.09 23.86
CA LEU A 73 4.02 -22.57 23.57
C LEU A 73 4.11 -21.06 23.69
N LEU A 74 3.02 -20.37 24.07
CA LEU A 74 3.06 -18.90 24.02
C LEU A 74 2.58 -18.19 25.29
N GLU A 75 3.12 -16.99 25.48
CA GLU A 75 2.67 -16.15 26.53
C GLU A 75 1.31 -15.65 26.11
N PRO A 76 0.34 -15.76 27.05
CA PRO A 76 -0.88 -14.96 26.95
C PRO A 76 -0.52 -13.49 26.82
N LEU A 77 -1.11 -12.79 25.87
CA LEU A 77 -0.84 -11.37 25.71
C LEU A 77 -1.48 -10.53 26.81
N ASP A 78 -0.88 -9.38 27.03
CA ASP A 78 -1.25 -8.51 28.12
C ASP A 78 -2.15 -7.45 27.48
N PHE A 79 -3.46 -7.62 27.68
CA PHE A 79 -4.43 -6.76 27.02
C PHE A 79 -4.69 -5.40 27.63
N SER A 80 -3.92 -5.04 28.65
CA SER A 80 -3.82 -3.65 29.14
C SER A 80 -2.62 -2.89 28.54
N VAL A 81 -1.85 -3.54 27.68
CA VAL A 81 -0.74 -2.88 26.94
C VAL A 81 -1.19 -2.76 25.50
N ILE A 82 -1.70 -3.86 24.98
CA ILE A 82 -2.16 -4.00 23.61
C ILE A 82 -3.67 -3.73 23.56
N GLN A 83 -4.03 -2.69 22.83
CA GLN A 83 -5.41 -2.23 22.74
C GLN A 83 -6.27 -3.18 21.87
N ARG A 84 -6.78 -4.27 22.47
CA ARG A 84 -7.55 -5.26 21.73
C ARG A 84 -8.78 -4.73 20.94
N ASP A 85 -9.47 -3.76 21.55
CA ASP A 85 -10.54 -2.95 20.91
C ASP A 85 -10.31 -2.64 19.43
N LYS A 86 -9.06 -2.34 19.09
CA LYS A 86 -8.68 -1.65 17.84
C LYS A 86 -8.08 -2.58 16.78
N ILE A 87 -8.08 -3.88 17.09
CA ILE A 87 -7.49 -4.86 16.22
C ILE A 87 -8.67 -5.61 15.64
N ASP A 88 -8.75 -5.63 14.33
CA ASP A 88 -9.71 -6.43 13.63
C ASP A 88 -9.81 -7.85 14.24
N PRO A 89 -11.00 -8.25 14.72
CA PRO A 89 -11.29 -9.57 15.36
C PRO A 89 -10.68 -10.76 14.69
N ARG A 90 -10.56 -10.70 13.38
CA ARG A 90 -9.98 -11.80 12.63
C ARG A 90 -8.53 -12.04 12.93
N PHE A 91 -7.89 -11.09 13.62
CA PHE A 91 -6.43 -11.02 13.72
C PHE A 91 -5.93 -10.77 15.17
N VAL A 92 -6.72 -11.18 16.16
CA VAL A 92 -6.31 -11.18 17.56
C VAL A 92 -6.85 -12.42 18.22
N SER A 93 -6.03 -13.04 19.05
CA SER A 93 -6.47 -14.09 19.93
C SER A 93 -5.87 -13.81 21.28
N ASP A 94 -6.11 -14.71 22.23
CA ASP A 94 -5.46 -14.65 23.54
C ASP A 94 -3.94 -14.62 23.46
N HIS A 95 -3.37 -15.19 22.39
CA HIS A 95 -1.94 -15.41 22.28
C HIS A 95 -1.30 -14.81 21.03
N GLY A 96 -1.92 -13.82 20.39
CA GLY A 96 -1.36 -13.30 19.12
C GLY A 96 -2.07 -12.07 18.57
N VAL A 97 -1.32 -11.20 17.91
CA VAL A 97 -1.88 -10.02 17.27
C VAL A 97 -1.42 -10.00 15.85
N GLY A 98 -2.28 -9.51 14.96
CA GLY A 98 -1.93 -9.39 13.58
C GLY A 98 -0.60 -8.68 13.38
N SER A 99 0.21 -9.28 12.51
CA SER A 99 1.43 -8.65 12.03
C SER A 99 1.08 -7.76 10.82
N PHE A 100 0.28 -8.36 9.95
CA PHE A 100 -0.32 -7.67 8.80
C PHE A 100 -1.28 -8.68 8.20
N PHE A 101 -2.28 -8.24 7.45
CA PHE A 101 -3.00 -9.17 6.61
C PHE A 101 -2.63 -8.96 5.16
N PHE A 102 -2.77 -10.02 4.39
CA PHE A 102 -2.53 -9.95 2.97
C PHE A 102 -3.45 -10.86 2.15
N SER A 103 -3.37 -10.75 0.82
CA SER A 103 -4.27 -11.45 -0.06
C SER A 103 -3.48 -12.29 -1.04
N PHE A 104 -3.94 -13.52 -1.26
CA PHE A 104 -3.59 -14.24 -2.46
C PHE A 104 -4.36 -13.61 -3.65
N VAL A 105 -3.66 -13.45 -4.77
CA VAL A 105 -4.23 -12.84 -5.98
C VAL A 105 -3.77 -13.52 -7.25
N LEU A 106 -4.63 -13.48 -8.26
CA LEU A 106 -4.33 -13.98 -9.58
C LEU A 106 -3.42 -12.99 -10.32
N GLY A 107 -2.14 -13.32 -10.38
CA GLY A 107 -1.20 -12.53 -11.10
C GLY A 107 -0.98 -13.20 -12.44
N TYR A 108 -0.80 -12.39 -13.48
CA TYR A 108 -0.52 -12.92 -14.81
C TYR A 108 0.44 -12.01 -15.56
N ASN A 109 1.23 -12.64 -16.44
CA ASN A 109 2.14 -11.99 -17.38
C ASN A 109 1.37 -11.56 -18.59
N GLU A 110 1.50 -10.29 -18.97
CA GLU A 110 0.76 -9.73 -20.12
C GLU A 110 1.50 -9.96 -21.44
N GLY A 111 2.84 -10.04 -21.41
CA GLY A 111 3.65 -10.57 -22.52
C GLY A 111 3.67 -12.10 -22.68
N GLY A 112 2.94 -12.82 -21.81
CA GLY A 112 2.53 -14.22 -22.03
C GLY A 112 1.17 -14.32 -22.73
N GLY A 113 0.29 -13.31 -22.54
CA GLY A 113 -1.10 -13.25 -23.12
C GLY A 113 -1.36 -11.99 -23.93
N GLY A 114 -2.62 -11.59 -24.10
CA GLY A 114 -2.94 -10.38 -24.88
C GLY A 114 -4.41 -9.95 -24.83
N ALA A 115 -5.13 -10.09 -25.95
CA ALA A 115 -6.53 -9.60 -26.07
C ALA A 115 -7.55 -10.60 -25.48
N SER A 116 -7.58 -10.67 -24.15
CA SER A 116 -8.56 -11.39 -23.28
C SER A 116 -7.81 -11.68 -21.97
N LYS A 117 -8.35 -11.18 -20.87
CA LYS A 117 -7.60 -11.05 -19.62
C LYS A 117 -8.12 -11.97 -18.48
N PRO A 118 -7.24 -12.76 -17.87
CA PRO A 118 -7.69 -13.64 -16.79
C PRO A 118 -8.40 -12.94 -15.64
N GLN A 119 -9.43 -13.57 -15.12
CA GLN A 119 -10.38 -12.92 -14.25
C GLN A 119 -10.60 -13.58 -12.87
N ASP A 120 -10.46 -14.88 -12.85
CA ASP A 120 -10.96 -15.74 -11.82
C ASP A 120 -9.87 -16.74 -11.54
N TRP A 121 -10.02 -17.49 -10.45
CA TRP A 121 -9.21 -18.71 -10.26
C TRP A 121 -9.46 -19.73 -11.36
N THR A 122 -10.69 -19.90 -11.84
CA THR A 122 -10.98 -20.80 -12.98
C THR A 122 -10.03 -20.64 -14.13
N ALA A 123 -9.73 -19.40 -14.47
CA ALA A 123 -8.95 -19.09 -15.66
C ALA A 123 -7.49 -19.34 -15.34
N LEU A 124 -7.15 -20.60 -15.18
CA LEU A 124 -5.91 -21.07 -14.48
C LEU A 124 -5.84 -22.59 -14.64
N PHE A 125 -7.03 -23.20 -14.56
CA PHE A 125 -7.28 -24.55 -15.11
C PHE A 125 -7.74 -24.55 -16.60
N ASP A 126 -7.48 -23.45 -17.32
CA ASP A 126 -7.85 -23.27 -18.72
C ASP A 126 -6.56 -22.98 -19.51
N THR A 127 -5.80 -24.05 -19.74
CA THR A 127 -4.59 -23.98 -20.55
C THR A 127 -4.89 -23.74 -22.03
N LYS A 128 -6.00 -24.28 -22.51
CA LYS A 128 -6.42 -24.00 -23.89
C LYS A 128 -6.57 -22.46 -24.04
N THR A 129 -7.55 -21.80 -23.38
CA THR A 129 -7.70 -20.30 -23.48
C THR A 129 -6.46 -19.48 -23.09
N TYR A 130 -5.68 -19.92 -22.08
CA TYR A 130 -4.50 -19.18 -21.62
C TYR A 130 -3.33 -20.16 -21.45
N PRO A 131 -2.33 -20.15 -22.38
CA PRO A 131 -1.22 -21.11 -22.30
C PRO A 131 -0.20 -20.77 -21.22
N GLY A 132 0.61 -21.78 -20.86
CA GLY A 132 1.80 -21.59 -20.00
C GLY A 132 1.67 -22.27 -18.66
N LYS A 133 2.76 -22.29 -17.92
CA LYS A 133 2.82 -22.93 -16.61
C LYS A 133 2.16 -22.09 -15.50
N ARG A 134 1.65 -22.77 -14.48
CA ARG A 134 0.96 -22.07 -13.39
C ARG A 134 1.77 -22.11 -12.09
N ALA A 135 1.98 -20.92 -11.52
CA ALA A 135 2.60 -20.75 -10.20
C ALA A 135 1.57 -20.89 -9.05
N LEU A 136 1.82 -21.86 -8.15
CA LEU A 136 1.02 -22.09 -6.98
C LEU A 136 1.99 -22.29 -5.84
N TYR A 137 1.50 -22.10 -4.61
CA TYR A 137 2.32 -22.09 -3.42
C TYR A 137 2.51 -23.53 -3.01
N LYS A 138 3.75 -23.83 -2.60
CA LYS A 138 4.27 -25.18 -2.37
C LYS A 138 3.87 -25.87 -1.07
N TRP A 139 3.92 -25.14 0.04
CA TRP A 139 3.89 -25.73 1.36
C TRP A 139 2.49 -25.80 1.89
N PRO A 140 2.11 -26.96 2.49
CA PRO A 140 0.70 -27.18 2.84
C PRO A 140 0.19 -26.12 3.81
N SER A 141 -0.74 -25.32 3.37
CA SER A 141 -1.26 -24.21 4.17
C SER A 141 -2.45 -23.58 3.44
N PRO A 142 -3.07 -22.53 4.02
CA PRO A 142 -4.24 -22.04 3.32
C PRO A 142 -3.96 -21.53 1.93
N GLY A 143 -4.98 -21.63 1.06
CA GLY A 143 -4.95 -21.00 -0.26
C GLY A 143 -5.25 -21.91 -1.44
N VAL A 144 -4.28 -22.77 -1.74
CA VAL A 144 -4.31 -23.52 -2.97
C VAL A 144 -5.49 -24.45 -3.02
N LEU A 145 -5.78 -25.14 -1.93
CA LEU A 145 -6.90 -26.09 -1.96
C LEU A 145 -8.22 -25.35 -2.15
N GLU A 146 -8.40 -24.27 -1.37
CA GLU A 146 -9.58 -23.41 -1.46
C GLU A 146 -9.76 -22.83 -2.86
N LEU A 147 -8.65 -22.42 -3.50
CA LEU A 147 -8.78 -21.81 -4.81
C LEU A 147 -9.12 -22.83 -5.84
N ALA A 148 -8.59 -24.02 -5.68
CA ALA A 148 -9.02 -25.14 -6.53
C ALA A 148 -10.52 -25.39 -6.40
N LEU A 149 -11.05 -25.36 -5.18
CA LEU A 149 -12.48 -25.71 -4.95
C LEU A 149 -13.39 -24.68 -5.53
N LEU A 150 -13.06 -23.41 -5.24
CA LEU A 150 -13.70 -22.26 -5.87
C LEU A 150 -13.76 -22.35 -7.41
N ALA A 151 -12.67 -22.79 -8.01
CA ALA A 151 -12.59 -22.91 -9.45
C ALA A 151 -13.44 -24.08 -9.98
N ASP A 152 -13.60 -25.14 -9.16
CA ASP A 152 -14.48 -26.26 -9.48
C ASP A 152 -15.91 -25.97 -9.07
N GLY A 153 -16.20 -24.74 -8.64
CA GLY A 153 -17.55 -24.27 -8.52
C GLY A 153 -18.11 -24.24 -7.13
N VAL A 154 -17.34 -24.58 -6.10
CA VAL A 154 -17.83 -24.48 -4.70
C VAL A 154 -18.10 -23.01 -4.34
N PRO A 155 -19.25 -22.74 -3.74
CA PRO A 155 -19.42 -21.35 -3.29
C PRO A 155 -18.54 -21.00 -2.11
N ALA A 156 -18.06 -19.77 -2.11
CA ALA A 156 -17.26 -19.25 -1.00
C ALA A 156 -17.74 -19.64 0.41
N ASP A 157 -19.02 -19.48 0.68
CA ASP A 157 -19.53 -19.74 2.04
C ASP A 157 -19.80 -21.21 2.33
N LYS A 158 -19.58 -22.11 1.37
CA LYS A 158 -19.73 -23.56 1.60
C LYS A 158 -18.39 -24.28 1.43
N LEU A 159 -17.32 -23.60 1.76
CA LEU A 159 -15.98 -24.07 1.37
C LEU A 159 -15.43 -25.16 2.36
N TYR A 160 -15.68 -24.92 3.65
CA TYR A 160 -15.19 -25.74 4.72
C TYR A 160 -16.29 -26.61 5.27
N PRO A 161 -15.99 -27.87 5.63
CA PRO A 161 -14.72 -28.58 5.46
C PRO A 161 -14.41 -28.83 4.00
N LEU A 162 -13.14 -29.03 3.73
CA LEU A 162 -12.66 -29.06 2.38
C LEU A 162 -12.85 -30.42 1.79
N ASP A 163 -13.53 -30.50 0.67
CA ASP A 163 -13.60 -31.75 -0.06
C ASP A 163 -12.22 -31.97 -0.68
N LEU A 164 -11.32 -32.54 0.12
CA LEU A 164 -9.94 -32.72 -0.31
C LEU A 164 -9.87 -33.54 -1.59
N ASP A 165 -10.75 -34.54 -1.70
CA ASP A 165 -10.84 -35.44 -2.86
C ASP A 165 -10.98 -34.59 -4.10
N ARG A 166 -11.97 -33.71 -4.06
CA ARG A 166 -12.29 -32.82 -5.20
C ARG A 166 -11.18 -31.87 -5.58
N ALA A 167 -10.55 -31.31 -4.54
CA ALA A 167 -9.44 -30.41 -4.75
C ALA A 167 -8.32 -31.10 -5.54
N PHE A 168 -7.98 -32.31 -5.10
CA PHE A 168 -6.94 -33.07 -5.76
C PHE A 168 -7.38 -33.53 -7.15
N LYS A 169 -8.69 -33.84 -7.32
CA LYS A 169 -9.23 -34.08 -8.66
C LYS A 169 -8.90 -32.91 -9.59
N LYS A 170 -9.23 -31.73 -9.10
CA LYS A 170 -9.12 -30.52 -9.88
C LYS A 170 -7.64 -30.18 -10.16
N LEU A 171 -6.82 -30.22 -9.13
CA LEU A 171 -5.40 -29.94 -9.28
C LEU A 171 -4.73 -30.91 -10.25
N ASP A 172 -5.16 -32.17 -10.25
CA ASP A 172 -4.54 -33.18 -11.15
C ASP A 172 -4.65 -32.67 -12.57
N THR A 173 -5.79 -32.06 -12.90
CA THR A 173 -6.07 -31.59 -14.28
C THR A 173 -5.01 -30.66 -14.89
N ILE A 174 -4.21 -29.98 -14.07
CA ILE A 174 -3.01 -29.20 -14.53
C ILE A 174 -1.67 -29.56 -13.90
N LYS A 175 -1.64 -30.61 -13.07
CA LYS A 175 -0.45 -30.98 -12.31
C LYS A 175 0.82 -30.96 -13.15
N LYS A 176 0.73 -31.37 -14.41
CA LYS A 176 1.90 -31.41 -15.32
C LYS A 176 2.49 -30.01 -15.41
N ASP A 177 1.61 -29.01 -15.56
CA ASP A 177 1.99 -27.60 -15.80
C ASP A 177 2.21 -26.73 -14.55
N ILE A 178 2.06 -27.29 -13.35
CA ILE A 178 2.26 -26.56 -12.09
C ILE A 178 3.74 -26.28 -11.80
N VAL A 179 4.07 -25.07 -11.32
CA VAL A 179 5.41 -24.77 -10.82
C VAL A 179 5.28 -24.11 -9.47
N TRP A 180 6.05 -24.58 -8.50
CA TRP A 180 5.75 -24.37 -7.08
C TRP A 180 6.69 -23.35 -6.50
N TRP A 181 6.14 -22.38 -5.79
CA TRP A 181 6.96 -21.39 -5.17
C TRP A 181 6.87 -21.56 -3.67
N GLY A 182 8.02 -21.49 -3.00
CA GLY A 182 8.07 -21.57 -1.55
C GLY A 182 8.42 -20.27 -0.86
N GLY A 183 8.84 -19.24 -1.62
CA GLY A 183 9.02 -17.90 -1.07
C GLY A 183 8.74 -16.81 -2.10
N GLY A 184 8.51 -15.60 -1.60
CA GLY A 184 8.19 -14.47 -2.43
C GLY A 184 9.13 -14.18 -3.58
N ALA A 185 10.42 -13.98 -3.28
CA ALA A 185 11.42 -13.71 -4.35
C ALA A 185 11.36 -14.73 -5.49
N GLN A 186 11.21 -16.00 -5.11
CA GLN A 186 11.05 -17.11 -6.05
C GLN A 186 9.84 -16.86 -6.96
N SER A 187 8.72 -16.53 -6.34
CA SER A 187 7.49 -16.22 -7.05
C SER A 187 7.61 -15.05 -8.03
N GLN A 188 8.33 -13.99 -7.62
CA GLN A 188 8.58 -12.85 -8.53
C GLN A 188 9.36 -13.26 -9.76
N GLN A 189 10.51 -13.90 -9.54
CA GLN A 189 11.38 -14.29 -10.65
C GLN A 189 10.66 -15.30 -11.57
N LEU A 190 9.80 -16.16 -11.04
CA LEU A 190 9.06 -17.07 -11.90
C LEU A 190 8.16 -16.36 -12.91
N LEU A 191 7.60 -15.22 -12.52
CA LEU A 191 6.66 -14.53 -13.37
C LEU A 191 7.32 -13.48 -14.25
N ALA A 192 8.29 -12.77 -13.69
CA ALA A 192 9.15 -11.88 -14.45
C ALA A 192 9.84 -12.63 -15.58
N SER A 193 10.41 -13.81 -15.28
CA SER A 193 11.13 -14.61 -16.28
C SER A 193 10.24 -15.20 -17.37
N GLY A 194 8.95 -15.32 -17.11
CA GLY A 194 8.02 -15.90 -18.08
C GLY A 194 7.95 -17.42 -17.98
N GLU A 195 8.71 -17.99 -17.03
CA GLU A 195 8.76 -19.44 -16.79
C GLU A 195 7.36 -19.95 -16.53
N VAL A 196 6.59 -19.04 -15.95
CA VAL A 196 5.20 -19.19 -15.64
C VAL A 196 4.48 -17.97 -16.24
N SER A 197 3.26 -18.20 -16.70
CA SER A 197 2.45 -17.14 -17.31
C SER A 197 1.40 -16.58 -16.35
N MET A 198 0.87 -17.40 -15.45
CA MET A 198 -0.04 -16.91 -14.42
C MET A 198 0.13 -17.68 -13.12
N GLY A 199 -0.49 -17.20 -12.06
CA GLY A 199 -0.44 -17.90 -10.80
C GLY A 199 -1.16 -17.24 -9.64
N GLN A 200 -1.06 -17.95 -8.53
CA GLN A 200 -1.45 -17.49 -7.24
C GLN A 200 -0.22 -16.87 -6.56
N PHE A 201 -0.36 -15.62 -6.10
CA PHE A 201 0.73 -14.86 -5.48
C PHE A 201 0.32 -14.02 -4.26
N TRP A 202 1.26 -13.76 -3.36
CA TRP A 202 1.03 -12.76 -2.33
C TRP A 202 0.90 -11.39 -3.00
N ASN A 203 -0.09 -10.60 -2.63
CA ASN A 203 -0.33 -9.34 -3.36
C ASN A 203 0.88 -8.43 -3.40
N GLY A 204 1.66 -8.44 -2.33
CA GLY A 204 2.85 -7.60 -2.23
C GLY A 204 3.83 -7.87 -3.35
N ARG A 205 4.03 -9.13 -3.68
CA ARG A 205 4.95 -9.49 -4.74
C ARG A 205 4.48 -9.04 -6.12
N ILE A 206 3.19 -9.16 -6.41
CA ILE A 206 2.67 -8.58 -7.63
C ILE A 206 2.79 -7.08 -7.58
N HIS A 207 2.53 -6.49 -6.44
CA HIS A 207 2.74 -5.08 -6.33
C HIS A 207 4.22 -4.70 -6.63
N ALA A 208 5.17 -5.45 -6.07
CA ALA A 208 6.62 -5.21 -6.30
C ALA A 208 6.96 -5.20 -7.77
N LEU A 209 6.36 -6.11 -8.54
CA LEU A 209 6.67 -6.29 -9.97
C LEU A 209 6.09 -5.19 -10.82
N GLN A 210 4.97 -4.65 -10.38
CA GLN A 210 4.35 -3.55 -11.09
C GLN A 210 5.18 -2.30 -10.92
N GLU A 211 5.68 -2.11 -9.72
CA GLU A 211 6.63 -1.04 -9.41
C GLU A 211 7.95 -1.15 -10.17
N ASP A 212 8.41 -2.38 -10.43
CA ASP A 212 9.67 -2.58 -11.15
C ASP A 212 9.49 -2.50 -12.68
N GLY A 213 8.38 -1.96 -13.14
CA GLY A 213 8.11 -1.87 -14.56
C GLY A 213 7.81 -3.15 -15.33
N ALA A 214 7.55 -4.28 -14.65
CA ALA A 214 7.23 -5.56 -15.33
C ALA A 214 5.89 -5.48 -15.98
N PRO A 215 5.66 -6.27 -17.03
CA PRO A 215 4.39 -6.26 -17.71
C PRO A 215 3.47 -7.33 -17.12
N VAL A 216 2.95 -7.04 -15.93
CA VAL A 216 2.06 -7.96 -15.24
C VAL A 216 0.80 -7.29 -14.78
N GLY A 217 -0.29 -8.03 -14.88
CA GLY A 217 -1.59 -7.61 -14.37
C GLY A 217 -2.06 -8.51 -13.25
N VAL A 218 -3.19 -8.13 -12.66
CA VAL A 218 -3.69 -8.77 -11.45
C VAL A 218 -5.21 -8.78 -11.46
N SER A 219 -5.79 -9.78 -10.84
CA SER A 219 -7.21 -9.71 -10.61
C SER A 219 -7.39 -10.01 -9.18
N TRP A 220 -8.12 -9.14 -8.51
CA TRP A 220 -8.51 -9.35 -7.12
C TRP A 220 -9.85 -10.09 -6.97
N LYS A 221 -10.42 -10.58 -8.06
CA LYS A 221 -11.64 -11.38 -7.94
C LYS A 221 -11.30 -12.63 -7.08
N GLN A 222 -12.12 -12.84 -6.05
CA GLN A 222 -11.95 -13.97 -5.11
C GLN A 222 -10.55 -14.03 -4.43
N ASN A 223 -10.10 -12.83 -4.03
CA ASN A 223 -8.83 -12.69 -3.41
C ASN A 223 -8.90 -13.28 -2.00
N LEU A 224 -7.94 -14.14 -1.68
CA LEU A 224 -7.98 -14.93 -0.43
C LEU A 224 -7.15 -14.31 0.68
N VAL A 225 -7.80 -13.92 1.75
CA VAL A 225 -7.14 -13.26 2.86
C VAL A 225 -6.35 -14.23 3.74
N MET A 226 -5.08 -13.91 3.92
CA MET A 226 -4.22 -14.64 4.82
C MET A 226 -3.60 -13.65 5.82
N ALA A 227 -3.11 -14.11 6.95
CA ALA A 227 -2.46 -13.22 7.94
C ALA A 227 -1.26 -13.85 8.69
N ASP A 228 -0.36 -12.98 9.14
CA ASP A 228 0.76 -13.38 9.96
C ASP A 228 0.47 -12.81 11.31
N ILE A 229 0.92 -13.48 12.35
CA ILE A 229 0.60 -13.04 13.68
C ILE A 229 1.90 -12.90 14.45
N LEU A 230 1.92 -11.91 15.33
CA LEU A 230 3.01 -11.67 16.25
C LEU A 230 2.77 -12.42 17.54
N VAL A 231 3.58 -13.46 17.80
CA VAL A 231 3.53 -14.21 19.06
C VAL A 231 4.71 -13.94 20.01
N VAL A 232 4.47 -14.13 21.31
CA VAL A 232 5.53 -14.05 22.32
C VAL A 232 5.79 -15.44 22.89
N PRO A 233 7.01 -15.98 22.69
CA PRO A 233 7.20 -17.39 23.09
C PRO A 233 7.15 -17.56 24.60
N LYS A 234 6.62 -18.70 25.04
CA LYS A 234 6.45 -18.93 26.50
C LYS A 234 7.80 -18.90 27.21
N GLY A 235 7.90 -18.02 28.19
CA GLY A 235 9.11 -17.81 28.95
C GLY A 235 10.17 -17.05 28.17
N THR A 236 9.76 -16.01 27.44
CA THR A 236 10.70 -14.94 27.11
C THR A 236 11.18 -14.47 28.45
N LYS A 237 12.30 -13.76 28.49
CA LYS A 237 12.75 -13.13 29.70
C LYS A 237 12.42 -11.64 29.67
N ASN A 238 11.77 -11.19 28.59
CA ASN A 238 11.55 -9.78 28.33
C ASN A 238 10.07 -9.56 28.00
N LYS A 239 9.22 -10.15 28.82
CA LYS A 239 7.79 -10.21 28.53
C LYS A 239 7.21 -8.82 28.46
N ALA A 240 7.43 -8.00 29.46
CA ALA A 240 6.86 -6.65 29.44
C ALA A 240 7.32 -5.84 28.22
N ALA A 241 8.58 -5.97 27.86
CA ALA A 241 9.11 -5.26 26.69
C ALA A 241 8.56 -5.86 25.37
N ALA A 242 8.34 -7.17 25.34
CA ALA A 242 7.86 -7.80 24.12
C ALA A 242 6.42 -7.34 23.83
N MET A 243 5.59 -7.27 24.87
CA MET A 243 4.21 -6.78 24.75
C MET A 243 4.20 -5.33 24.24
N LYS A 244 5.09 -4.48 24.77
CA LYS A 244 5.22 -3.10 24.31
C LYS A 244 5.47 -3.02 22.80
N PHE A 245 6.32 -3.93 22.33
CA PHE A 245 6.58 -4.05 20.92
C PHE A 245 5.32 -4.50 20.10
N LEU A 246 4.57 -5.47 20.59
CA LEU A 246 3.37 -5.81 19.92
C LEU A 246 2.43 -4.58 19.84
N ALA A 247 2.14 -3.96 20.97
CA ALA A 247 1.31 -2.73 20.98
C ALA A 247 1.76 -1.71 19.93
N SER A 248 3.06 -1.65 19.67
CA SER A 248 3.64 -0.71 18.72
C SER A 248 3.56 -1.16 17.26
N ALA A 249 4.05 -2.36 16.95
CA ALA A 249 3.88 -3.00 15.62
C ALA A 249 2.39 -3.00 15.15
N SER A 250 1.48 -3.30 16.08
CA SER A 250 0.06 -3.46 15.80
C SER A 250 -0.75 -2.18 15.95
N SER A 251 -0.09 -1.08 16.33
CA SER A 251 -0.78 0.19 16.46
C SER A 251 -1.28 0.69 15.07
N ALA A 252 -2.18 1.68 15.09
CA ALA A 252 -2.58 2.37 13.87
C ALA A 252 -1.40 2.83 13.03
N LYS A 253 -0.50 3.57 13.66
CA LYS A 253 0.72 4.09 13.04
C LYS A 253 1.71 3.00 12.55
N GLY A 254 1.97 2.01 13.39
CA GLY A 254 2.85 0.91 12.99
C GLY A 254 2.29 0.24 11.73
N GLN A 255 0.97 0.03 11.70
CA GLN A 255 0.35 -0.70 10.61
C GLN A 255 0.28 0.08 9.30
N ASP A 256 0.05 1.40 9.37
CA ASP A 256 0.10 2.18 8.14
C ASP A 256 1.47 2.22 7.51
N ASP A 257 2.47 2.43 8.36
CA ASP A 257 3.87 2.47 7.92
C ASP A 257 4.29 1.17 7.29
N PHE A 258 3.83 0.06 7.85
CA PHE A 258 4.18 -1.24 7.29
C PHE A 258 3.46 -1.40 5.95
N SER A 259 2.15 -1.10 5.93
CA SER A 259 1.37 -1.18 4.69
C SER A 259 2.02 -0.37 3.56
N ASN A 260 2.44 0.86 3.88
CA ASN A 260 3.10 1.76 2.92
C ASN A 260 4.30 1.13 2.21
N LEU A 261 5.14 0.46 2.99
CA LEU A 261 6.36 -0.18 2.45
C LEU A 261 6.16 -1.46 1.59
N THR A 262 5.14 -2.27 1.92
CA THR A 262 4.93 -3.61 1.39
C THR A 262 3.72 -3.78 0.50
N ALA A 263 2.76 -2.90 0.68
CA ALA A 263 1.45 -3.00 0.09
C ALA A 263 0.64 -4.16 0.66
N TYR A 264 1.03 -4.69 1.83
CA TYR A 264 0.15 -5.52 2.64
C TYR A 264 -0.80 -4.60 3.40
N ALA A 265 -1.75 -5.20 4.13
CA ALA A 265 -2.86 -4.45 4.73
C ALA A 265 -2.78 -4.31 6.26
N PRO A 266 -3.20 -3.17 6.79
CA PRO A 266 -3.37 -2.96 8.25
C PRO A 266 -4.38 -3.85 8.95
N VAL A 267 -4.05 -4.24 10.17
CA VAL A 267 -4.92 -5.00 11.09
C VAL A 267 -5.52 -4.14 12.20
N ASN A 268 -5.16 -2.85 12.23
CA ASN A 268 -5.64 -1.91 13.24
C ASN A 268 -6.79 -1.07 12.67
N ILE A 269 -7.91 -1.01 13.37
CA ILE A 269 -9.12 -0.34 12.81
C ILE A 269 -8.97 1.19 12.79
N ASP A 270 -8.18 1.73 13.70
CA ASP A 270 -7.83 3.17 13.64
C ASP A 270 -6.78 3.57 12.63
N SER A 271 -6.16 2.64 11.93
CA SER A 271 -5.12 2.99 11.00
C SER A 271 -5.82 3.54 9.75
N VAL A 272 -5.16 4.53 9.19
CA VAL A 272 -5.65 5.35 8.11
C VAL A 272 -6.25 4.63 6.92
N GLN A 273 -5.76 3.44 6.59
CA GLN A 273 -6.45 2.53 5.65
C GLN A 273 -6.65 3.05 4.20
N ARG A 274 -5.51 3.48 3.68
CA ARG A 274 -5.38 3.87 2.31
C ARG A 274 -5.81 2.71 1.46
N LEU A 275 -6.59 3.04 0.42
CA LEU A 275 -7.01 2.10 -0.59
C LEU A 275 -5.96 1.87 -1.67
N ASP A 276 -5.11 2.87 -1.88
CA ASP A 276 -4.13 2.89 -2.96
C ASP A 276 -2.92 3.70 -2.49
N LEU A 277 -1.72 3.32 -2.90
CA LEU A 277 -0.52 4.06 -2.52
C LEU A 277 -0.45 5.43 -3.19
N ALA A 278 -1.29 5.69 -4.20
CA ALA A 278 -1.43 7.07 -4.69
C ALA A 278 -2.09 8.06 -3.71
N ASN A 279 -2.75 7.53 -2.69
CA ASN A 279 -3.38 8.34 -1.70
C ASN A 279 -2.33 9.01 -0.89
N VAL A 280 -2.50 10.30 -0.71
CA VAL A 280 -1.47 11.15 -0.22
C VAL A 280 -1.53 10.99 1.27
N TYR A 281 -0.60 10.22 1.83
CA TYR A 281 -0.54 9.98 3.29
C TYR A 281 0.09 11.14 3.99
N ILE A 282 -0.64 11.74 4.91
CA ILE A 282 -0.20 12.94 5.59
C ILE A 282 0.02 12.67 7.06
N THR A 283 1.14 13.18 7.57
CA THR A 283 1.43 13.18 9.00
C THR A 283 2.10 14.49 9.48
N ALA A 284 2.10 14.73 10.77
CA ALA A 284 2.54 16.03 11.26
C ALA A 284 4.02 16.03 11.53
N ASP A 285 4.63 17.21 11.39
CA ASP A 285 6.01 17.46 11.78
C ASP A 285 6.02 18.56 12.79
N LYS A 286 5.94 18.20 14.07
CA LYS A 286 5.95 19.17 15.19
C LYS A 286 7.14 20.05 15.09
N GLN A 287 8.30 19.42 15.00
CA GLN A 287 9.57 20.14 15.06
C GLN A 287 9.71 21.24 14.01
N LYS A 288 8.94 21.18 12.92
CA LYS A 288 8.94 22.21 11.88
C LYS A 288 7.64 23.01 11.80
N ASN A 289 6.66 22.69 12.62
CA ASN A 289 5.33 23.33 12.56
C ASN A 289 4.60 23.20 11.19
N GLY A 290 4.78 22.03 10.56
CA GLY A 290 4.09 21.70 9.31
C GLY A 290 3.73 20.23 9.22
N ILE A 291 3.72 19.70 8.00
CA ILE A 291 3.41 18.30 7.71
C ILE A 291 4.45 17.74 6.80
N MET A 292 4.50 16.43 6.74
CA MET A 292 5.20 15.78 5.67
C MET A 292 4.22 14.77 5.12
N ALA A 293 4.41 14.41 3.86
CA ALA A 293 3.59 13.42 3.24
C ALA A 293 4.36 12.59 2.26
N ASN A 294 3.75 11.48 1.89
CA ASN A 294 4.33 10.60 0.91
C ASN A 294 3.26 9.81 0.15
N PHE A 295 3.58 9.53 -1.11
CA PHE A 295 2.68 8.76 -1.96
C PHE A 295 3.41 8.24 -3.19
N LYS A 296 2.84 7.28 -3.88
CA LYS A 296 3.38 6.83 -5.13
C LYS A 296 2.30 6.92 -6.20
N ILE A 297 2.60 7.69 -7.25
CA ILE A 297 1.78 7.81 -8.45
C ILE A 297 2.29 6.81 -9.47
N ARG A 298 1.41 6.33 -10.34
CA ARG A 298 1.73 5.41 -11.42
C ARG A 298 1.33 6.03 -12.74
N HIS A 299 2.21 6.00 -13.74
CA HIS A 299 1.86 6.55 -15.04
C HIS A 299 1.88 5.36 -15.98
N ASN A 300 0.86 5.23 -16.83
CA ASN A 300 0.86 4.20 -17.85
C ASN A 300 1.89 4.52 -18.88
N VAL A 301 2.64 3.50 -19.30
CA VAL A 301 3.65 3.59 -20.36
C VAL A 301 3.05 3.11 -21.68
N GLU A 302 3.54 3.62 -22.82
CA GLU A 302 2.99 3.33 -24.14
C GLU A 302 3.04 1.84 -24.50
N ASP A 303 4.02 1.15 -23.94
CA ASP A 303 4.18 -0.29 -24.11
C ASP A 303 3.31 -1.22 -23.20
N GLY A 304 2.53 -0.67 -22.26
CA GLY A 304 1.73 -1.48 -21.33
C GLY A 304 2.36 -1.73 -19.96
N SER A 305 3.58 -1.28 -19.72
CA SER A 305 4.11 -1.23 -18.35
C SER A 305 3.60 0.01 -17.55
N VAL A 306 4.01 0.10 -16.28
CA VAL A 306 3.64 1.18 -15.39
C VAL A 306 4.95 1.85 -14.96
N GLN A 307 5.05 3.17 -15.16
CA GLN A 307 6.16 3.98 -14.63
C GLN A 307 5.76 4.57 -13.28
N LEU A 308 6.60 4.31 -12.29
CA LEU A 308 6.35 4.66 -10.91
C LEU A 308 7.05 5.99 -10.63
N ALA A 309 6.36 6.90 -9.94
CA ALA A 309 6.89 8.21 -9.55
C ALA A 309 6.65 8.35 -8.06
N ASP A 310 7.71 8.13 -7.28
CA ASP A 310 7.69 8.03 -5.81
C ASP A 310 7.81 9.42 -5.18
N HIS A 311 6.80 9.82 -4.43
CA HIS A 311 6.70 11.20 -3.96
C HIS A 311 7.01 11.35 -2.47
N TYR A 312 7.96 12.21 -2.12
CA TYR A 312 8.13 12.62 -0.70
C TYR A 312 7.94 14.13 -0.61
N GLN A 313 7.31 14.58 0.47
CA GLN A 313 6.77 15.91 0.51
C GLN A 313 6.85 16.52 1.91
N GLN A 314 7.18 17.80 2.00
CA GLN A 314 7.10 18.51 3.26
C GLN A 314 6.58 19.91 3.03
N ASN A 315 5.67 20.33 3.90
CA ASN A 315 5.09 21.64 3.84
C ASN A 315 5.36 22.37 5.17
N THR A 316 5.79 23.62 5.09
CA THR A 316 6.04 24.43 6.28
C THR A 316 5.43 25.77 6.04
N PRO A 317 4.84 26.36 7.09
CA PRO A 317 4.12 27.59 6.85
C PRO A 317 5.08 28.74 6.63
N ILE A 318 4.63 29.74 5.90
CA ILE A 318 5.34 31.00 5.75
C ILE A 318 5.01 31.91 6.95
N GLY A 319 3.72 32.05 7.27
CA GLY A 319 3.26 32.91 8.38
C GLY A 319 3.81 32.55 9.75
N ASP A 320 3.67 33.49 10.69
CA ASP A 320 4.01 33.26 12.10
C ASP A 320 2.83 32.66 12.81
N GLY A 321 1.64 32.90 12.24
CA GLY A 321 0.37 32.54 12.83
C GLY A 321 0.20 31.08 13.20
N PRO A 322 -0.90 30.80 13.89
CA PRO A 322 -1.07 29.45 14.36
C PRO A 322 -1.55 28.60 13.18
N VAL A 323 -1.15 27.33 13.19
CA VAL A 323 -1.51 26.39 12.13
C VAL A 323 -2.13 25.16 12.77
N LEU A 324 -2.88 24.40 11.97
CA LEU A 324 -3.43 23.15 12.45
C LEU A 324 -2.44 22.03 12.16
N LEU A 325 -1.95 21.36 13.19
CA LEU A 325 -1.11 20.18 13.01
C LEU A 325 -2.05 18.96 13.04
N PRO A 326 -2.13 18.21 11.91
CA PRO A 326 -3.17 17.16 11.76
C PRO A 326 -2.85 15.83 12.43
N ASP A 327 -3.87 15.09 12.83
CA ASP A 327 -3.69 13.66 13.02
C ASP A 327 -3.46 13.01 11.68
N ASN A 328 -2.86 11.83 11.68
CA ASN A 328 -2.58 11.17 10.40
C ASN A 328 -3.86 10.91 9.66
N HIS A 329 -3.80 11.11 8.36
CA HIS A 329 -4.93 10.88 7.45
C HIS A 329 -4.39 10.73 6.03
N TYR A 330 -5.27 10.56 5.05
CA TYR A 330 -4.88 10.64 3.66
C TYR A 330 -5.81 11.47 2.81
N LEU A 331 -5.32 11.78 1.62
CA LEU A 331 -6.11 12.45 0.64
C LEU A 331 -6.26 11.56 -0.53
N SER A 332 -7.49 11.52 -1.02
CA SER A 332 -7.88 10.78 -2.20
C SER A 332 -8.16 11.75 -3.31
N THR A 333 -7.57 11.52 -4.48
CA THR A 333 -7.70 12.42 -5.62
C THR A 333 -8.07 11.64 -6.89
N GLN A 334 -9.03 12.14 -7.69
CA GLN A 334 -9.23 11.65 -9.06
C GLN A 334 -8.83 12.82 -9.90
N SER A 335 -7.97 12.55 -10.90
CA SER A 335 -7.53 13.56 -11.88
C SER A 335 -7.90 13.17 -13.32
N VAL A 336 -8.38 14.14 -14.12
CA VAL A 336 -8.85 13.89 -15.47
C VAL A 336 -8.16 14.88 -16.41
N LEU A 337 -7.47 14.34 -17.42
CA LEU A 337 -6.61 15.11 -18.33
C LEU A 337 -7.30 15.10 -19.68
N SER A 338 -7.48 16.28 -20.26
CA SER A 338 -8.10 16.44 -21.57
C SER A 338 -7.41 17.56 -22.33
N LYS A 339 -7.82 17.72 -23.59
CA LYS A 339 -7.34 18.79 -24.47
C LYS A 339 -8.50 19.67 -24.92
N ASP A 340 -8.22 20.96 -24.98
CA ASP A 340 -8.96 21.96 -25.74
C ASP A 340 -8.66 21.78 -27.25
N PRO A 341 -9.69 21.45 -28.08
CA PRO A 341 -9.42 21.26 -29.52
C PRO A 341 -9.18 22.53 -30.32
N ASN A 342 -9.41 23.72 -29.73
CA ASN A 342 -9.06 25.00 -30.36
C ASN A 342 -7.78 25.63 -29.81
N GLU A 343 -7.02 24.91 -28.95
CA GLU A 343 -5.77 25.42 -28.38
C GLU A 343 -4.56 24.89 -29.14
N LYS A 344 -3.83 25.76 -29.84
CA LYS A 344 -2.70 25.32 -30.70
C LYS A 344 -1.43 24.99 -29.92
N ARG A 345 -1.30 25.60 -28.74
CA ARG A 345 -0.12 25.45 -27.89
C ARG A 345 -0.14 24.14 -27.09
N ASP A 346 1.02 23.77 -26.55
CA ASP A 346 1.16 22.57 -25.76
C ASP A 346 0.54 22.86 -24.40
N HIS A 347 -0.45 22.07 -24.00
CA HIS A 347 -1.32 22.42 -22.88
C HIS A 347 -1.91 21.23 -22.20
N MET A 348 -2.52 21.46 -21.05
CA MET A 348 -3.27 20.41 -20.37
C MET A 348 -4.50 21.03 -19.74
N VAL A 349 -5.68 20.52 -20.09
CA VAL A 349 -6.89 20.86 -19.34
C VAL A 349 -6.98 19.81 -18.26
N LEU A 350 -7.16 20.24 -17.02
CA LEU A 350 -7.20 19.32 -15.88
C LEU A 350 -8.43 19.59 -15.02
N LEU A 351 -9.19 18.54 -14.77
CA LEU A 351 -10.31 18.55 -13.84
C LEU A 351 -9.85 17.71 -12.66
N GLU A 352 -10.11 18.14 -11.44
CA GLU A 352 -9.67 17.35 -10.24
C GLU A 352 -10.62 17.39 -9.07
N PHE A 353 -10.77 16.23 -8.41
CA PHE A 353 -11.63 16.04 -7.26
C PHE A 353 -10.87 15.45 -6.11
N VAL A 354 -10.98 16.08 -4.95
CA VAL A 354 -10.16 15.71 -3.80
C VAL A 354 -10.91 15.81 -2.47
N THR A 355 -10.91 14.71 -1.71
CA THR A 355 -11.18 14.74 -0.26
C THR A 355 -10.05 14.25 0.58
N ALA A 356 -10.11 14.67 1.85
CA ALA A 356 -9.50 13.98 2.96
C ALA A 356 -10.28 12.71 3.28
N ALA A 357 -9.61 11.79 3.93
CA ALA A 357 -10.20 10.54 4.32
C ALA A 357 -9.28 9.87 5.35
N GLY A 358 -9.69 8.70 5.86
CA GLY A 358 -8.87 7.85 6.71
C GLY A 358 -9.07 7.99 8.22
N ILE A 359 -9.96 8.90 8.64
CA ILE A 359 -10.27 9.01 10.04
C ILE A 359 -11.61 8.34 10.38
N THR A 360 -12.72 8.74 9.77
CA THR A 360 -14.01 8.03 10.00
C THR A 360 -14.58 8.09 11.46
N LEU A 361 -15.69 8.79 11.65
CA LEU A 361 -16.18 8.98 13.01
C LEU A 361 -16.79 7.67 13.58
N GLY A 362 -16.38 7.36 14.81
CA GLY A 362 -16.95 6.26 15.59
C GLY A 362 -18.39 6.47 16.04
N MET A 363 -18.97 5.39 16.53
CA MET A 363 -20.28 5.45 17.16
C MET A 363 -20.10 6.22 18.46
N ASP A 364 -21.05 7.09 18.77
CA ASP A 364 -21.11 7.86 20.02
C ASP A 364 -19.95 8.87 20.20
N GLU A 365 -19.51 9.42 19.09
CA GLU A 365 -18.53 10.50 19.01
C GLU A 365 -19.28 11.48 18.12
N LEU A 366 -19.50 12.70 18.60
CA LEU A 366 -20.27 13.72 17.84
C LEU A 366 -21.78 13.43 17.72
N TYR A 367 -22.59 14.29 18.34
CA TYR A 367 -24.03 14.06 18.50
C TYR A 367 -24.89 15.22 19.11
N LYS A 368 -24.33 16.36 19.52
CA LYS A 368 -25.22 17.50 19.85
C LYS A 368 -24.64 18.96 19.92
N GLY A 369 -23.57 19.30 19.17
CA GLY A 369 -23.10 20.73 19.01
C GLY A 369 -22.60 21.23 17.63
N GLY A 370 -22.32 20.33 16.69
CA GLY A 370 -21.70 20.69 15.40
C GLY A 370 -21.73 22.15 14.94
N MET A 375 -12.09 24.17 13.28
CA MET A 375 -12.09 25.51 12.58
C MET A 375 -10.68 26.11 12.40
N SER A 376 -10.57 27.09 11.50
CA SER A 376 -9.39 27.96 11.42
C SER A 376 -9.79 29.23 10.70
N LYS A 377 -8.95 30.25 10.82
CA LYS A 377 -9.28 31.56 10.29
C LYS A 377 -9.20 31.49 8.78
N GLY A 378 -8.09 30.91 8.30
CA GLY A 378 -7.80 30.73 6.87
C GLY A 378 -8.79 29.82 6.16
N GLU A 379 -9.35 28.84 6.87
CA GLU A 379 -10.51 28.04 6.40
C GLU A 379 -11.61 28.87 5.69
N GLU A 380 -11.83 30.10 6.15
CA GLU A 380 -12.93 30.92 5.62
C GLU A 380 -12.71 31.50 4.21
N LEU A 381 -11.50 31.45 3.68
CA LEU A 381 -11.24 32.00 2.34
C LEU A 381 -11.67 31.00 1.23
N PHE A 382 -11.98 29.77 1.60
CA PHE A 382 -12.31 28.73 0.64
C PHE A 382 -13.79 28.38 0.58
N THR A 383 -14.60 29.20 1.25
CA THR A 383 -16.04 28.94 1.32
C THR A 383 -16.73 29.12 -0.02
N GLY A 384 -16.16 29.95 -0.91
CA GLY A 384 -16.62 30.04 -2.29
C GLY A 384 -15.62 29.55 -3.33
N VAL A 385 -15.78 30.06 -4.54
CA VAL A 385 -14.98 29.72 -5.71
C VAL A 385 -13.85 30.73 -5.79
N VAL A 386 -12.60 30.25 -5.73
CA VAL A 386 -11.39 31.12 -5.74
C VAL A 386 -10.59 30.99 -7.04
N PRO A 387 -10.17 32.11 -7.68
CA PRO A 387 -9.32 31.94 -8.87
C PRO A 387 -7.93 31.51 -8.50
N ILE A 388 -7.31 30.72 -9.38
CA ILE A 388 -6.02 30.16 -9.14
C ILE A 388 -5.08 30.51 -10.23
N LEU A 389 -3.82 30.76 -9.85
CA LEU A 389 -2.72 30.98 -10.78
C LEU A 389 -1.54 30.08 -10.36
N VAL A 390 -0.90 29.50 -11.38
CA VAL A 390 0.20 28.58 -11.21
C VAL A 390 1.28 29.02 -12.20
N GLU A 391 2.46 29.27 -11.66
CA GLU A 391 3.64 29.57 -12.43
C GLU A 391 4.68 28.56 -12.01
N LEU A 392 5.39 28.04 -13.01
CA LEU A 392 6.42 27.06 -12.83
C LEU A 392 7.53 27.36 -13.77
N ASP A 393 8.74 27.58 -13.24
CA ASP A 393 9.98 27.54 -14.03
C ASP A 393 10.65 26.22 -13.76
N GLY A 394 11.07 25.53 -14.82
CA GLY A 394 11.69 24.22 -14.70
C GLY A 394 12.93 23.96 -15.52
N ASP A 395 13.79 23.08 -15.00
CA ASP A 395 14.99 22.60 -15.67
C ASP A 395 15.06 21.06 -15.53
N VAL A 396 14.93 20.35 -16.63
CA VAL A 396 15.10 18.88 -16.64
C VAL A 396 16.21 18.53 -17.64
N ASN A 397 17.28 17.91 -17.13
CA ASN A 397 18.51 17.72 -17.91
C ASN A 397 18.89 19.00 -18.74
N GLY A 398 18.70 20.16 -18.13
CA GLY A 398 18.96 21.43 -18.83
C GLY A 398 17.93 21.94 -19.85
N HIS A 399 16.84 21.21 -20.09
CA HIS A 399 15.71 21.77 -20.77
C HIS A 399 15.09 22.78 -19.86
N LYS A 400 15.00 24.02 -20.30
CA LYS A 400 14.46 25.10 -19.47
C LYS A 400 13.12 25.35 -20.03
N PHE A 401 12.08 25.31 -19.21
CA PHE A 401 10.69 25.46 -19.68
C PHE A 401 9.86 26.13 -18.64
N SER A 402 8.77 26.75 -19.06
CA SER A 402 7.84 27.34 -18.11
C SER A 402 6.41 26.93 -18.43
N VAL A 403 5.61 26.89 -17.36
CA VAL A 403 4.21 26.59 -17.48
C VAL A 403 3.39 27.58 -16.71
N ARG A 404 2.34 28.06 -17.35
CA ARG A 404 1.40 28.96 -16.70
C ARG A 404 0.02 28.38 -16.72
N GLY A 405 -0.58 28.24 -15.55
CA GLY A 405 -1.91 27.68 -15.47
C GLY A 405 -2.82 28.67 -14.84
N GLU A 406 -4.00 28.85 -15.40
CA GLU A 406 -5.06 29.65 -14.80
C GLU A 406 -6.26 28.76 -14.61
N GLY A 407 -7.16 29.18 -13.70
CA GLY A 407 -8.39 28.42 -13.38
C GLY A 407 -8.99 28.78 -12.04
N GLU A 408 -9.75 27.89 -11.43
CA GLU A 408 -10.38 28.19 -10.16
C GLU A 408 -10.61 26.97 -9.36
N GLY A 409 -10.75 27.17 -8.04
CA GLY A 409 -10.87 26.07 -7.05
C GLY A 409 -12.05 26.20 -6.10
N ASP A 410 -12.72 25.07 -5.90
CA ASP A 410 -13.90 24.98 -5.04
C ASP A 410 -13.76 23.85 -3.96
N ALA A 411 -13.21 24.26 -2.84
CA ALA A 411 -12.95 23.35 -1.73
C ALA A 411 -14.22 22.85 -1.07
N THR A 412 -15.32 23.54 -1.30
CA THR A 412 -16.57 23.09 -0.73
C THR A 412 -16.86 21.74 -1.36
N ASN A 413 -16.62 21.62 -2.66
CA ASN A 413 -16.73 20.36 -3.38
C ASN A 413 -15.41 19.75 -3.81
N GLY A 414 -14.30 20.04 -3.13
CA GLY A 414 -13.01 19.43 -3.48
C GLY A 414 -12.62 19.49 -4.95
N LYS A 415 -13.11 20.53 -5.67
CA LYS A 415 -13.04 20.57 -7.14
C LYS A 415 -12.11 21.64 -7.71
N LEU A 416 -11.27 21.23 -8.66
CA LEU A 416 -10.30 22.13 -9.31
C LEU A 416 -10.44 22.03 -10.80
N THR A 417 -10.44 23.17 -11.49
CA THR A 417 -10.43 23.16 -12.97
C THR A 417 -9.38 24.14 -13.43
N LEU A 418 -8.34 23.65 -14.07
CA LEU A 418 -7.35 24.54 -14.67
C LEU A 418 -6.99 24.14 -16.05
N LYS A 419 -6.44 25.11 -16.76
CA LYS A 419 -5.77 24.90 -18.03
C LYS A 419 -4.31 25.39 -17.89
N PHE A 420 -3.37 24.57 -18.33
CA PHE A 420 -1.92 24.87 -18.23
C PHE A 420 -1.32 24.91 -19.60
N ILE A 421 -0.36 25.81 -19.80
CA ILE A 421 0.23 26.12 -21.10
C ILE A 421 1.73 26.04 -20.89
N CYS A 422 2.41 25.29 -21.75
CA CYS A 422 3.84 25.43 -21.86
C CYS A 422 4.12 26.71 -22.64
N THR A 423 4.55 27.75 -21.90
CA THR A 423 4.82 29.08 -22.45
C THR A 423 6.09 29.13 -23.26
N THR A 424 7.02 28.21 -22.99
CA THR A 424 8.30 28.14 -23.71
C THR A 424 8.31 27.36 -25.05
N GLY A 425 7.22 26.70 -25.42
CA GLY A 425 7.21 25.86 -26.64
C GLY A 425 6.64 24.47 -26.41
N LYS A 426 7.37 23.45 -26.87
CA LYS A 426 6.97 22.09 -26.64
C LYS A 426 7.44 21.66 -25.26
N LEU A 427 6.49 21.26 -24.42
CA LEU A 427 6.83 20.75 -23.08
C LEU A 427 7.75 19.52 -23.20
N PRO A 428 8.95 19.60 -22.60
CA PRO A 428 9.99 18.52 -22.71
C PRO A 428 9.78 17.26 -21.88
N VAL A 429 8.73 17.24 -21.06
CA VAL A 429 8.36 16.08 -20.28
C VAL A 429 6.89 15.81 -20.44
N PRO A 430 6.47 14.61 -20.12
CA PRO A 430 5.06 14.35 -20.31
C PRO A 430 4.24 15.08 -19.24
N TRP A 431 3.09 15.61 -19.66
CA TRP A 431 2.24 16.41 -18.78
C TRP A 431 1.83 15.63 -17.55
N PRO A 432 1.52 14.35 -17.72
CA PRO A 432 1.13 13.64 -16.49
C PRO A 432 2.19 13.67 -15.36
N THR A 433 3.47 13.79 -15.71
CA THR A 433 4.55 13.79 -14.70
C THR A 433 4.62 15.06 -13.91
N LEU A 434 3.93 16.09 -14.39
CA LEU A 434 3.82 17.37 -13.70
C LEU A 434 2.52 17.65 -12.91
N VAL A 435 1.52 16.79 -13.03
CA VAL A 435 0.24 17.05 -12.39
C VAL A 435 0.38 17.31 -10.86
N THR A 436 1.11 16.42 -10.19
CA THR A 436 1.29 16.54 -8.74
C THR A 436 2.03 17.77 -8.33
N THR A 437 2.93 18.24 -9.15
CA THR A 437 3.63 19.46 -8.87
C THR A 437 2.74 20.63 -9.16
N LEU A 438 2.07 20.66 -10.31
CA LEU A 438 1.19 21.80 -10.65
C LEU A 438 -0.07 21.91 -9.78
N1 CRO A 439 -0.81 21.02 -9.16
CA1 CRO A 439 -1.89 20.85 -8.22
CB1 CRO A 439 -3.10 20.31 -8.96
CG1 CRO A 439 -3.61 21.33 -9.97
OG1 CRO A 439 -2.76 19.15 -9.71
C1 CRO A 439 -1.43 19.93 -7.16
N2 CRO A 439 -1.77 18.59 -7.04
N3 CRO A 439 -0.56 20.35 -6.17
C2 CRO A 439 -0.36 19.29 -5.41
O2 CRO A 439 0.40 19.30 -4.38
CA2 CRO A 439 -1.14 18.14 -5.94
CA3 CRO A 439 0.05 21.67 -5.92
C3 CRO A 439 -0.66 22.59 -4.92
O3 CRO A 439 0.09 23.37 -4.27
CB2 CRO A 439 -1.20 16.77 -5.40
CG2 CRO A 439 -1.83 15.57 -5.99
CD1 CRO A 439 -2.54 15.64 -7.17
CD2 CRO A 439 -1.51 14.28 -5.48
CE1 CRO A 439 -3.03 14.46 -7.74
CE2 CRO A 439 -2.01 13.10 -6.07
CZ CRO A 439 -2.79 13.21 -7.23
OH CRO A 439 -3.35 12.19 -7.93
N VAL A 440 -1.92 22.41 -4.82
CA VAL A 440 -2.81 23.36 -4.13
C VAL A 440 -3.77 22.55 -3.28
N GLN A 441 -3.21 21.77 -2.35
CA GLN A 441 -4.01 20.81 -1.55
C GLN A 441 -4.88 21.54 -0.53
N CYS A 442 -4.72 22.86 -0.47
CA CYS A 442 -5.65 23.72 0.21
C CYS A 442 -7.05 23.70 -0.41
N PHE A 443 -7.24 23.26 -1.65
CA PHE A 443 -8.62 23.06 -2.16
C PHE A 443 -9.16 21.64 -1.97
N SER A 444 -8.52 20.85 -1.13
CA SER A 444 -9.04 19.56 -0.71
C SER A 444 -10.33 19.78 0.02
N ARG A 445 -11.28 18.87 -0.10
CA ARG A 445 -12.44 18.97 0.74
C ARG A 445 -12.25 18.16 1.98
N TYR A 446 -11.95 18.84 3.08
CA TYR A 446 -11.86 18.17 4.38
C TYR A 446 -13.25 18.11 4.95
N PRO A 447 -13.79 16.91 5.22
CA PRO A 447 -15.12 16.78 5.80
C PRO A 447 -15.16 17.30 7.20
N ASP A 448 -16.36 17.42 7.73
CA ASP A 448 -16.58 18.29 8.91
C ASP A 448 -15.88 17.79 10.15
N HIS A 449 -16.00 16.49 10.41
CA HIS A 449 -15.25 15.85 11.50
C HIS A 449 -13.73 15.87 11.38
N MET A 450 -13.22 16.30 10.24
CA MET A 450 -11.79 16.35 9.96
C MET A 450 -11.26 17.75 9.74
N LYS A 451 -12.13 18.76 9.83
CA LYS A 451 -11.72 20.17 9.62
C LYS A 451 -10.55 20.60 10.50
N GLN A 452 -10.53 20.11 11.73
CA GLN A 452 -9.39 20.38 12.63
C GLN A 452 -8.03 19.84 12.16
N HIS A 453 -8.02 18.94 11.16
CA HIS A 453 -6.81 18.39 10.54
C HIS A 453 -6.35 19.10 9.22
N ASP A 454 -6.85 20.30 8.96
CA ASP A 454 -6.63 20.94 7.67
C ASP A 454 -5.53 21.98 7.80
N PHE A 455 -4.30 21.49 7.79
CA PHE A 455 -3.09 22.33 7.80
C PHE A 455 -3.13 23.35 6.67
N PHE A 456 -3.29 22.84 5.45
CA PHE A 456 -3.23 23.65 4.21
C PHE A 456 -4.00 24.96 4.30
N LYS A 457 -5.27 24.91 4.66
CA LYS A 457 -6.09 26.13 4.75
C LYS A 457 -5.70 26.94 5.93
N SER A 458 -5.29 26.30 7.02
CA SER A 458 -4.96 26.99 8.26
C SER A 458 -3.80 28.01 8.14
N ALA A 459 -2.88 27.75 7.20
CA ALA A 459 -1.71 28.60 6.98
C ALA A 459 -2.00 29.82 6.10
N MET A 460 -3.25 30.02 5.72
CA MET A 460 -3.59 31.10 4.82
C MET A 460 -3.93 32.36 5.59
N PRO A 461 -3.74 33.51 4.95
CA PRO A 461 -3.33 33.73 3.56
C PRO A 461 -1.82 33.83 3.29
N GLU A 462 -0.99 33.92 4.31
CA GLU A 462 0.45 34.00 4.06
C GLU A 462 1.02 32.74 3.39
N GLY A 463 0.45 31.60 3.73
CA GLY A 463 0.64 30.41 2.94
C GLY A 463 1.68 29.47 3.49
N TYR A 464 2.09 28.54 2.63
CA TYR A 464 3.09 27.54 2.95
C TYR A 464 4.11 27.39 1.83
N VAL A 465 5.25 26.79 2.18
CA VAL A 465 6.24 26.28 1.25
C VAL A 465 5.98 24.80 1.04
N GLN A 466 6.02 24.31 -0.19
CA GLN A 466 5.80 22.89 -0.47
C GLN A 466 6.99 22.34 -1.16
N GLU A 467 7.66 21.39 -0.52
CA GLU A 467 8.89 20.82 -1.07
C GLU A 467 8.69 19.35 -1.34
N ARG A 468 9.29 18.88 -2.43
CA ARG A 468 9.16 17.51 -2.84
C ARG A 468 10.40 16.99 -3.48
N THR A 469 10.57 15.68 -3.34
CA THR A 469 11.44 14.88 -4.18
C THR A 469 10.57 13.82 -4.83
N ILE A 470 10.58 13.76 -6.16
CA ILE A 470 9.86 12.72 -6.88
C ILE A 470 10.85 11.82 -7.63
N SER A 471 10.89 10.55 -7.27
CA SER A 471 11.84 9.64 -7.90
C SER A 471 11.08 8.81 -8.89
N PHE A 472 11.49 8.91 -10.14
CA PHE A 472 10.98 8.01 -11.15
C PHE A 472 11.80 6.72 -11.15
N LYS A 473 11.12 5.61 -11.07
CA LYS A 473 11.77 4.33 -11.13
C LYS A 473 12.60 4.15 -12.40
N ASP A 474 13.86 3.79 -12.19
CA ASP A 474 14.88 3.60 -13.25
C ASP A 474 15.06 4.83 -14.13
N ASP A 475 15.07 5.97 -13.46
CA ASP A 475 15.20 7.22 -14.16
C ASP A 475 15.56 8.37 -13.17
N GLY A 476 15.47 9.60 -13.66
CA GLY A 476 15.81 10.76 -12.89
C GLY A 476 14.79 11.03 -11.80
N THR A 477 15.03 12.15 -11.11
CA THR A 477 14.21 12.59 -10.02
C THR A 477 13.87 14.08 -10.25
N TYR A 478 12.72 14.54 -9.73
CA TYR A 478 12.41 15.96 -9.71
C TYR A 478 12.62 16.40 -8.31
N LYS A 479 13.27 17.54 -8.12
CA LYS A 479 13.25 18.25 -6.85
C LYS A 479 12.47 19.51 -7.12
N THR A 480 11.53 19.83 -6.25
CA THR A 480 10.70 21.02 -6.46
C THR A 480 10.56 21.81 -5.17
N ARG A 481 10.37 23.11 -5.31
CA ARG A 481 10.10 23.97 -4.17
C ARG A 481 9.08 24.97 -4.65
N ALA A 482 7.96 25.10 -3.92
CA ALA A 482 6.90 26.03 -4.28
C ALA A 482 6.44 26.80 -3.07
N GLU A 483 5.86 27.97 -3.35
CA GLU A 483 5.21 28.81 -2.35
C GLU A 483 3.78 28.97 -2.78
N VAL A 484 2.85 28.62 -1.88
CA VAL A 484 1.42 28.67 -2.14
C VAL A 484 0.83 29.72 -1.17
N LYS A 485 0.19 30.77 -1.69
CA LYS A 485 -0.30 31.87 -0.84
C LYS A 485 -1.22 32.82 -1.61
N PHE A 486 -1.99 33.63 -0.90
CA PHE A 486 -2.94 34.50 -1.61
C PHE A 486 -2.20 35.71 -2.13
N GLU A 487 -2.54 36.15 -3.33
CA GLU A 487 -2.06 37.42 -3.83
C GLU A 487 -3.27 38.13 -4.37
N GLY A 488 -3.85 38.94 -3.48
CA GLY A 488 -5.12 39.60 -3.73
C GLY A 488 -6.11 38.53 -3.46
N ASP A 489 -7.10 38.43 -4.34
CA ASP A 489 -8.13 37.40 -4.20
C ASP A 489 -7.74 36.07 -4.86
N THR A 490 -6.52 35.99 -5.41
CA THR A 490 -6.05 34.84 -6.19
C THR A 490 -5.06 33.95 -5.43
N LEU A 491 -5.31 32.65 -5.43
CA LEU A 491 -4.38 31.70 -4.86
C LEU A 491 -3.25 31.35 -5.86
N VAL A 492 -2.01 31.57 -5.42
CA VAL A 492 -0.85 31.44 -6.29
C VAL A 492 0.01 30.24 -5.89
N ASN A 493 0.42 29.45 -6.89
CA ASN A 493 1.40 28.38 -6.71
C ASN A 493 2.57 28.78 -7.57
N ARG A 494 3.68 29.16 -6.93
CA ARG A 494 4.88 29.61 -7.64
C ARG A 494 5.89 28.52 -7.34
N ILE A 495 6.42 27.90 -8.40
CA ILE A 495 7.19 26.65 -8.28
C ILE A 495 8.48 26.74 -9.10
N GLU A 496 9.59 26.30 -8.51
CA GLU A 496 10.79 26.00 -9.24
C GLU A 496 10.97 24.50 -9.23
N LEU A 497 11.38 23.95 -10.37
CA LEU A 497 11.60 22.52 -10.55
C LEU A 497 12.97 22.25 -11.19
N LYS A 498 13.70 21.28 -10.64
CA LYS A 498 14.98 20.83 -11.20
C LYS A 498 14.95 19.31 -11.38
N GLY A 499 15.23 18.85 -12.61
CA GLY A 499 15.30 17.45 -12.95
C GLY A 499 16.73 17.03 -13.27
N ILE A 500 17.19 16.01 -12.56
CA ILE A 500 18.52 15.44 -12.77
C ILE A 500 18.42 14.00 -13.13
N ASP A 501 19.37 13.52 -13.93
CA ASP A 501 19.66 12.11 -14.11
C ASP A 501 18.62 11.42 -14.99
N PHE A 502 18.04 12.16 -15.91
CA PHE A 502 17.04 11.54 -16.77
C PHE A 502 17.69 10.91 -17.98
N LYS A 503 17.06 9.87 -18.49
CA LYS A 503 17.55 9.18 -19.66
C LYS A 503 16.94 9.82 -20.88
N GLU A 504 17.79 10.20 -21.83
CA GLU A 504 17.40 11.02 -22.98
C GLU A 504 16.37 10.34 -23.89
N ASP A 505 16.31 9.01 -23.86
CA ASP A 505 15.15 8.32 -24.44
C ASP A 505 14.64 7.21 -23.49
N GLY A 506 14.57 7.55 -22.20
CA GLY A 506 13.74 6.86 -21.25
C GLY A 506 12.31 7.30 -21.38
N ASN A 507 11.46 6.82 -20.49
CA ASN A 507 10.03 7.02 -20.66
C ASN A 507 9.59 8.48 -20.52
N ILE A 508 10.39 9.33 -19.87
CA ILE A 508 10.01 10.72 -19.57
C ILE A 508 10.49 11.65 -20.67
N LEU A 509 11.80 11.76 -20.85
CA LEU A 509 12.36 12.59 -21.91
C LEU A 509 12.09 11.97 -23.25
N GLY A 510 11.84 10.67 -23.26
CA GLY A 510 11.43 10.00 -24.49
C GLY A 510 9.99 10.19 -24.88
N HIS A 511 9.18 10.68 -23.96
CA HIS A 511 7.76 10.89 -24.17
C HIS A 511 7.02 9.60 -24.46
N LYS A 512 7.01 8.71 -23.50
CA LYS A 512 6.38 7.39 -23.69
C LYS A 512 5.24 7.13 -22.70
N LEU A 513 4.66 8.20 -22.16
CA LEU A 513 3.67 8.06 -21.13
C LEU A 513 2.38 8.53 -21.70
N GLU A 514 1.33 7.75 -21.47
CA GLU A 514 0.05 8.06 -22.07
C GLU A 514 -0.53 9.30 -21.40
N TYR A 515 -1.34 10.00 -22.15
CA TYR A 515 -1.96 11.23 -21.69
C TYR A 515 -3.26 10.89 -20.93
N ASN A 516 -3.11 10.48 -19.69
CA ASN A 516 -4.23 10.14 -18.81
C ASN A 516 -3.62 9.89 -17.46
N PHE A 517 -4.43 9.49 -16.50
CA PHE A 517 -3.97 9.19 -15.14
C PHE A 517 -4.59 7.89 -14.72
N ASN A 518 -4.75 6.99 -15.69
CA ASN A 518 -5.54 5.79 -15.50
C ASN A 518 -4.81 4.72 -14.75
N ALA A 519 -3.49 4.68 -14.87
CA ALA A 519 -2.73 3.68 -14.14
C ALA A 519 -3.15 3.67 -12.68
N ASN A 520 -3.71 4.79 -12.21
CA ASN A 520 -4.23 4.90 -10.83
C ASN A 520 -5.71 4.55 -10.55
N LEU A 521 -6.46 4.08 -11.55
CA LEU A 521 -7.86 3.74 -11.33
C LEU A 521 -7.99 2.46 -10.53
N ALA A 522 -7.38 1.37 -10.98
CA ALA A 522 -7.36 0.11 -10.21
C ALA A 522 -6.44 0.17 -8.96
N PRO A 523 -7.02 0.09 -7.73
CA PRO A 523 -6.16 0.19 -6.54
C PRO A 523 -5.20 -0.96 -6.35
N ASN A 524 -4.05 -0.65 -5.78
CA ASN A 524 -3.02 -1.65 -5.52
C ASN A 524 -2.98 -2.22 -4.09
N LEU A 525 -3.99 -1.93 -3.27
CA LEU A 525 -3.99 -2.44 -1.88
C LEU A 525 -5.24 -3.22 -1.50
N PRO A 526 -5.06 -4.26 -0.66
CA PRO A 526 -6.15 -5.16 -0.27
C PRO A 526 -7.41 -4.51 0.38
N THR A 527 -7.17 -3.40 1.09
CA THR A 527 -8.22 -2.67 1.78
C THR A 527 -9.28 -2.10 0.84
N ALA A 528 -8.90 -2.03 -0.45
CA ALA A 528 -9.79 -1.64 -1.53
C ALA A 528 -10.65 -2.74 -2.14
N TYR A 529 -10.37 -4.01 -1.83
CA TYR A 529 -11.07 -5.16 -2.46
C TYR A 529 -11.86 -6.03 -1.48
N VAL A 530 -12.49 -5.41 -0.51
CA VAL A 530 -13.11 -6.14 0.58
C VAL A 530 -14.38 -6.81 0.09
N LYS A 531 -15.07 -6.23 -0.87
CA LYS A 531 -16.21 -6.89 -1.52
C LYS A 531 -15.84 -8.21 -2.21
N ASP A 532 -14.60 -8.35 -2.70
CA ASP A 532 -14.21 -9.50 -3.53
C ASP A 532 -13.41 -10.56 -2.76
N GLN A 533 -13.47 -10.43 -1.44
CA GLN A 533 -12.54 -11.04 -0.53
C GLN A 533 -13.09 -12.36 -0.03
N ILE A 534 -12.23 -13.36 0.17
CA ILE A 534 -12.67 -14.54 0.90
C ILE A 534 -11.68 -14.77 2.01
N THR A 535 -12.11 -14.71 3.27
CA THR A 535 -11.16 -14.91 4.36
C THR A 535 -11.12 -16.41 4.53
N LEU A 536 -9.92 -16.93 4.80
CA LEU A 536 -9.70 -18.37 4.88
C LEU A 536 -9.83 -18.70 6.34
N ASP A 537 -10.21 -19.94 6.65
CA ASP A 537 -10.54 -20.34 8.02
C ASP A 537 -9.24 -20.84 8.64
N PHE A 538 -8.68 -20.06 9.58
CA PHE A 538 -7.35 -20.35 10.15
C PHE A 538 -7.46 -21.47 11.19
N ALA A 539 -8.45 -21.29 12.07
CA ALA A 539 -8.92 -22.31 13.03
C ALA A 539 -9.08 -23.67 12.41
N TYR A 540 -9.70 -23.72 11.22
CA TYR A 540 -9.93 -25.01 10.56
C TYR A 540 -8.59 -25.70 10.20
N TRP A 541 -7.64 -24.91 9.68
CA TRP A 541 -6.29 -25.40 9.40
C TRP A 541 -5.46 -25.75 10.68
N ALA A 542 -5.55 -24.91 11.72
CA ALA A 542 -4.95 -25.23 13.05
C ALA A 542 -5.39 -26.61 13.54
N LYS A 543 -6.69 -26.86 13.42
CA LYS A 543 -7.30 -28.14 13.66
C LYS A 543 -6.88 -29.30 12.73
N ASN A 544 -6.89 -29.10 11.42
CA ASN A 544 -6.76 -30.21 10.48
C ASN A 544 -5.47 -30.22 9.63
N GLY A 545 -4.64 -29.19 9.87
CA GLY A 545 -3.40 -28.98 9.12
C GLY A 545 -2.52 -30.22 9.04
N PRO A 546 -2.35 -30.92 10.16
CA PRO A 546 -1.55 -32.11 10.10
C PRO A 546 -2.12 -33.19 9.21
N ALA A 547 -3.43 -33.41 9.31
CA ALA A 547 -4.06 -34.44 8.46
C ALA A 547 -4.08 -34.01 6.96
N ILE A 548 -4.38 -32.75 6.71
CA ILE A 548 -4.26 -32.21 5.36
C ILE A 548 -2.83 -32.34 4.81
N ALA A 549 -1.86 -32.00 5.67
CA ALA A 549 -0.45 -31.92 5.27
C ALA A 549 0.05 -33.28 4.84
N THR A 550 -0.40 -34.32 5.53
CA THR A 550 -0.04 -35.67 5.07
C THR A 550 -0.55 -35.97 3.69
N ARG A 551 -1.82 -35.65 3.49
CA ARG A 551 -2.46 -35.97 2.24
C ARG A 551 -1.91 -35.12 1.08
N TRP A 552 -1.51 -33.88 1.43
CA TRP A 552 -0.88 -32.95 0.48
C TRP A 552 0.48 -33.46 0.05
N ASN A 553 1.27 -33.80 1.07
CA ASN A 553 2.60 -34.30 0.83
C ASN A 553 2.60 -35.60 0.03
N GLU A 554 1.73 -36.55 0.38
CA GLU A 554 1.61 -37.76 -0.45
C GLU A 554 1.24 -37.37 -1.87
N TRP A 555 0.30 -36.45 -2.00
CA TRP A 555 -0.17 -36.09 -3.30
C TRP A 555 0.93 -35.54 -4.21
N LEU A 556 1.81 -34.67 -3.70
CA LEU A 556 2.97 -34.15 -4.48
C LEU A 556 3.84 -35.25 -5.09
N VAL A 557 4.05 -36.29 -4.29
CA VAL A 557 4.92 -37.39 -4.62
C VAL A 557 4.32 -38.44 -5.61
N LYS A 558 3.00 -38.56 -5.73
CA LYS A 558 2.43 -39.55 -6.66
C LYS A 558 2.91 -39.29 -8.12
N LEU A 559 3.05 -40.36 -8.93
CA LEU A 559 3.39 -40.23 -10.37
C LEU A 559 2.61 -41.24 -11.22
#